data_4Q4F
#
_entry.id   4Q4F
#
_cell.length_a   89.686
_cell.length_b   63.386
_cell.length_c   114.375
_cell.angle_alpha   90.00
_cell.angle_beta   102.27
_cell.angle_gamma   90.00
#
_symmetry.space_group_name_H-M   'C 1 2 1'
#
loop_
_entity.id
_entity.type
_entity.pdbx_description
1 polymer 'Lysosome membrane protein 2'
2 branched alpha-D-mannopyranose-(1-3)-[alpha-D-mannopyranose-(1-6)]beta-D-mannopyranose-(1-4)-2-acetamido-2-deoxy-beta-D-glucopyranose-(1-4)-2-acetamido-2-deoxy-beta-D-glucopyranose
3 branched alpha-D-mannopyranose-(1-3)-alpha-D-mannopyranose-(1-6)-[alpha-D-mannopyranose-(1-3)]beta-D-mannopyranose-(1-4)-2-acetamido-2-deoxy-beta-D-glucopyranose-(1-4)-2-acetamido-2-deoxy-beta-D-glucopyranose
4 branched beta-D-mannopyranose-(1-4)-2-acetamido-2-deoxy-beta-D-glucopyranose-(1-4)-2-acetamido-2-deoxy-beta-D-glucopyranose
5 branched 2-acetamido-2-deoxy-beta-D-glucopyranose-(1-4)-2-acetamido-2-deoxy-beta-D-glucopyranose
6 branched 6-O-phosphono-beta-D-mannopyranose-(1-2)-alpha-D-mannopyranose-(1-6)-alpha-D-mannopyranose-(1-6)-[alpha-D-mannopyranose-(1-3)]beta-D-mannopyranose-(1-4)-2-acetamido-2-deoxy-beta-D-glucopyranose-(1-4)-2-acetamido-2-deoxy-beta-D-glucopyranose
7 non-polymer 2-acetamido-2-deoxy-beta-D-glucopyranose
8 non-polymer 'CHLORIDE ION'
#
_entity_poly.entity_id   1
_entity_poly.type   'polypeptide(L)'
_entity_poly.pdbx_seq_one_letter_code
;ETGVFQKAVDQSIEKKIVLRNGTEAFDSWEKPPLPVYTQFYFFNVTNPEEILRGETPRVEEVGPYTYRELRNKANIQFGD
NGTTISAVSNKAYVFERDQSVGDPKIDLIRTLNIPVLTVIEWSQVHFLREIIEAMLKAYQQKLFVTHTVDELLWGYKDEI
LSLIHVFRPDISPYFGLFYEKNGTNDGDYVFLTGEDSYLNFTKIVEWNGKTSLDWWITDKCNMINGTDGDSFHPLITKDE
VLYVFPSDFCRSVYITFSDYESVQGLPAFRYKVPAEILANTSDNAGFCIPEGNCLGSGVLNVSICKNGAPIIMSFPHFYQ
ADERFVSAIEGMHPNQEDHETFVDINPLTGIILKAAKRFQINIYVKKLDDFVETGDIRTMVFPVMYLNESVHIDKETASR
LKSMINTTGKHHHHHH
;
_entity_poly.pdbx_strand_id   A
#
loop_
_chem_comp.id
_chem_comp.type
_chem_comp.name
_chem_comp.formula
BMA D-saccharide, beta linking beta-D-mannopyranose 'C6 H12 O6'
CL non-polymer 'CHLORIDE ION' 'Cl -1'
M6D D-saccharide, beta linking 6-O-phosphono-beta-D-mannopyranose 'C6 H13 O9 P'
MAN D-saccharide, alpha linking alpha-D-mannopyranose 'C6 H12 O6'
NAG D-saccharide, beta linking 2-acetamido-2-deoxy-beta-D-glucopyranose 'C8 H15 N O6'
#
# COMPACT_ATOMS: atom_id res chain seq x y z
N ILE A 13 17.58 1.54 31.81
CA ILE A 13 17.97 0.81 30.56
C ILE A 13 16.89 -0.21 30.18
N GLU A 14 16.73 -0.44 28.88
CA GLU A 14 15.71 -1.36 28.37
C GLU A 14 16.25 -2.24 27.26
N LYS A 15 17.18 -3.12 27.61
CA LYS A 15 17.64 -4.18 26.71
C LYS A 15 16.65 -5.35 26.67
N LYS A 16 15.52 -5.19 27.37
CA LYS A 16 14.41 -6.13 27.29
C LYS A 16 13.80 -6.17 25.88
N ILE A 17 13.88 -5.04 25.18
CA ILE A 17 13.35 -4.93 23.81
C ILE A 17 14.42 -5.34 22.80
N VAL A 18 14.58 -6.65 22.65
CA VAL A 18 15.47 -7.25 21.65
C VAL A 18 14.87 -8.57 21.20
N LEU A 19 15.04 -8.92 19.93
CA LEU A 19 14.56 -10.19 19.42
C LEU A 19 15.57 -11.28 19.77
N ARG A 20 15.24 -12.08 20.78
CA ARG A 20 16.02 -13.27 21.11
C ARG A 20 15.07 -14.31 21.71
N ASN A 21 15.33 -15.58 21.41
CA ASN A 21 14.44 -16.65 21.83
C ASN A 21 14.37 -16.66 23.36
N GLY A 22 13.28 -16.12 23.89
CA GLY A 22 13.07 -16.02 25.33
C GLY A 22 12.23 -14.82 25.74
N THR A 23 12.59 -13.65 25.22
CA THR A 23 11.93 -12.39 25.60
C THR A 23 10.53 -12.29 24.99
N GLU A 24 9.66 -11.53 25.67
CA GLU A 24 8.31 -11.26 25.18
C GLU A 24 8.36 -10.39 23.92
N ALA A 25 9.38 -9.55 23.84
CA ALA A 25 9.64 -8.76 22.65
C ALA A 25 9.67 -9.63 21.39
N PHE A 26 10.32 -10.79 21.49
CA PHE A 26 10.39 -11.74 20.39
C PHE A 26 9.02 -12.36 20.12
N ASP A 27 8.39 -12.88 21.17
CA ASP A 27 7.09 -13.54 21.04
C ASP A 27 6.06 -12.65 20.35
N SER A 28 6.02 -11.39 20.75
CA SER A 28 5.08 -10.40 20.18
C SER A 28 5.44 -10.05 18.74
N TRP A 29 6.73 -9.99 18.43
CA TRP A 29 7.18 -9.78 17.07
C TRP A 29 6.80 -11.00 16.23
N GLU A 30 7.10 -12.18 16.75
CA GLU A 30 6.76 -13.44 16.10
C GLU A 30 5.26 -13.53 15.86
N LYS A 31 4.49 -13.36 16.93
CA LYS A 31 3.04 -13.48 16.89
C LYS A 31 2.38 -12.24 17.52
N PRO A 32 2.14 -11.20 16.69
CA PRO A 32 1.51 -9.97 17.17
C PRO A 32 0.21 -10.22 17.94
N PRO A 33 0.09 -9.69 19.17
CA PRO A 33 -1.13 -9.86 19.96
C PRO A 33 -2.25 -8.87 19.58
N LEU A 34 -1.88 -7.65 19.19
CA LEU A 34 -2.86 -6.60 18.91
C LEU A 34 -3.48 -6.77 17.54
N PRO A 35 -4.82 -6.63 17.45
CA PRO A 35 -5.50 -6.81 16.18
C PRO A 35 -5.36 -5.59 15.27
N VAL A 36 -4.95 -5.86 14.03
CA VAL A 36 -4.88 -4.87 12.97
C VAL A 36 -6.10 -5.02 12.08
N TYR A 37 -6.61 -3.90 11.57
CA TYR A 37 -7.77 -3.91 10.67
C TYR A 37 -7.47 -3.11 9.41
N THR A 38 -7.90 -3.62 8.26
CA THR A 38 -7.90 -2.85 7.02
C THR A 38 -9.32 -2.58 6.56
N GLN A 39 -9.61 -1.31 6.29
CA GLN A 39 -10.91 -0.88 5.78
C GLN A 39 -10.74 -0.40 4.37
N PHE A 40 -11.50 -0.97 3.44
CA PHE A 40 -11.41 -0.59 2.05
C PHE A 40 -12.55 0.35 1.67
N TYR A 41 -12.23 1.37 0.89
CA TYR A 41 -13.21 2.34 0.42
C TYR A 41 -13.06 2.44 -1.08
N PHE A 42 -14.16 2.28 -1.81
CA PHE A 42 -14.13 2.31 -3.26
C PHE A 42 -14.84 3.53 -3.83
N PHE A 43 -14.46 3.89 -5.05
CA PHE A 43 -15.04 5.02 -5.73
C PHE A 43 -15.87 4.52 -6.91
N ASN A 44 -17.19 4.58 -6.73
CA ASN A 44 -18.15 4.07 -7.70
C ASN A 44 -18.36 5.14 -8.77
N VAL A 45 -18.20 4.76 -10.05
CA VAL A 45 -18.28 5.73 -11.14
C VAL A 45 -19.71 5.98 -11.55
N THR A 46 -20.13 7.24 -11.51
CA THR A 46 -21.53 7.60 -11.76
C THR A 46 -21.85 7.99 -13.20
N ASN A 47 -20.83 8.35 -13.99
CA ASN A 47 -21.04 8.87 -15.36
C ASN A 47 -20.06 8.29 -16.39
N PRO A 48 -19.98 6.96 -16.51
CA PRO A 48 -19.02 6.33 -17.44
C PRO A 48 -19.14 6.78 -18.89
N GLU A 49 -20.35 6.74 -19.44
CA GLU A 49 -20.58 7.16 -20.83
C GLU A 49 -20.13 8.57 -21.12
N GLU A 50 -20.33 9.45 -20.15
CA GLU A 50 -19.99 10.86 -20.29
C GLU A 50 -18.47 11.06 -20.17
N ILE A 51 -17.84 10.27 -19.31
CA ILE A 51 -16.38 10.29 -19.19
C ILE A 51 -15.74 9.92 -20.52
N LEU A 52 -16.24 8.86 -21.14
CA LEU A 52 -15.79 8.41 -22.46
C LEU A 52 -15.95 9.47 -23.54
N ARG A 53 -16.90 10.38 -23.37
CA ARG A 53 -17.07 11.50 -24.30
C ARG A 53 -16.23 12.72 -23.87
N GLY A 54 -15.33 12.52 -22.90
CA GLY A 54 -14.38 13.54 -22.48
C GLY A 54 -14.84 14.44 -21.35
N GLU A 55 -15.90 14.06 -20.65
CA GLU A 55 -16.41 14.91 -19.58
C GLU A 55 -15.73 14.59 -18.27
N THR A 56 -15.94 15.45 -17.29
CA THR A 56 -15.33 15.32 -15.98
C THR A 56 -15.97 14.15 -15.25
N PRO A 57 -15.15 13.20 -14.77
CA PRO A 57 -15.71 12.13 -13.95
C PRO A 57 -16.26 12.61 -12.61
N ARG A 58 -17.40 12.05 -12.21
CA ARG A 58 -17.97 12.24 -10.88
C ARG A 58 -18.00 10.86 -10.25
N VAL A 59 -17.51 10.77 -9.02
CA VAL A 59 -17.47 9.50 -8.30
C VAL A 59 -18.16 9.60 -6.95
N GLU A 60 -18.51 8.43 -6.41
CA GLU A 60 -19.18 8.32 -5.13
C GLU A 60 -18.39 7.40 -4.21
N GLU A 61 -18.09 7.89 -3.01
CA GLU A 61 -17.34 7.13 -2.03
C GLU A 61 -18.21 6.04 -1.44
N VAL A 62 -17.65 4.84 -1.33
CA VAL A 62 -18.41 3.70 -0.83
C VAL A 62 -17.54 2.89 0.12
N GLY A 63 -18.11 2.52 1.26
CA GLY A 63 -17.37 1.79 2.29
C GLY A 63 -17.73 2.29 3.67
N PRO A 64 -17.07 1.76 4.71
CA PRO A 64 -15.96 0.80 4.65
C PRO A 64 -16.34 -0.67 4.38
N TYR A 65 -15.34 -1.45 3.99
CA TYR A 65 -15.42 -2.91 3.98
C TYR A 65 -14.27 -3.41 4.86
N THR A 66 -14.62 -3.84 6.07
CA THR A 66 -13.63 -4.06 7.14
C THR A 66 -13.15 -5.50 7.22
N TYR A 67 -11.84 -5.65 7.34
CA TYR A 67 -11.21 -6.96 7.41
C TYR A 67 -10.26 -6.96 8.59
N ARG A 68 -10.41 -7.94 9.49
CA ARG A 68 -9.47 -8.14 10.58
C ARG A 68 -8.31 -8.98 10.09
N GLU A 69 -7.10 -8.61 10.46
CA GLU A 69 -5.91 -9.31 9.99
C GLU A 69 -5.44 -10.39 10.95
N LEU A 70 -4.79 -11.39 10.38
CA LEU A 70 -4.05 -12.38 11.12
C LEU A 70 -2.62 -12.24 10.65
N ARG A 71 -1.68 -12.14 11.58
CA ARG A 71 -0.29 -11.92 11.23
C ARG A 71 0.58 -12.87 12.01
N ASN A 72 1.74 -13.18 11.44
CA ASN A 72 2.78 -13.88 12.17
C ASN A 72 4.02 -14.04 11.30
N LYS A 73 5.13 -14.39 11.94
CA LYS A 73 6.39 -14.60 11.27
C LYS A 73 6.60 -16.10 11.13
N ALA A 74 7.08 -16.53 9.97
CA ALA A 74 7.33 -17.95 9.73
C ALA A 74 8.73 -18.14 9.15
N ASN A 75 9.14 -19.40 9.05
CA ASN A 75 10.47 -19.75 8.57
C ASN A 75 11.52 -18.90 9.27
N ILE A 76 11.42 -18.89 10.59
CA ILE A 76 12.28 -18.06 11.41
C ILE A 76 13.63 -18.75 11.57
N GLN A 77 14.70 -18.00 11.37
CA GLN A 77 16.05 -18.54 11.47
C GLN A 77 16.98 -17.44 11.97
N PHE A 78 17.54 -17.64 13.16
CA PHE A 78 18.51 -16.70 13.73
C PHE A 78 19.77 -16.71 12.88
N GLY A 79 20.43 -15.55 12.80
CA GLY A 79 21.61 -15.40 11.95
C GLY A 79 22.75 -14.68 12.65
N ASP A 80 23.97 -14.99 12.24
CA ASP A 80 25.18 -14.40 12.80
C ASP A 80 25.15 -14.42 14.34
N ASN A 81 24.62 -15.52 14.87
CA ASN A 81 24.42 -15.70 16.31
C ASN A 81 23.80 -14.49 17.01
N GLY A 82 22.51 -14.28 16.75
CA GLY A 82 21.70 -13.34 17.51
C GLY A 82 21.68 -11.89 17.03
N THR A 83 22.29 -11.60 15.89
CA THR A 83 22.29 -10.22 15.38
C THR A 83 21.34 -10.04 14.19
N THR A 84 21.32 -11.00 13.27
CA THR A 84 20.35 -10.98 12.17
C THR A 84 19.33 -12.08 12.40
N ILE A 85 18.22 -12.00 11.66
CA ILE A 85 17.15 -12.99 11.78
C ILE A 85 16.29 -12.97 10.51
N SER A 86 16.16 -14.12 9.85
CA SER A 86 15.37 -14.21 8.63
C SER A 86 13.99 -14.73 8.95
N ALA A 87 12.97 -14.17 8.30
CA ALA A 87 11.59 -14.60 8.48
C ALA A 87 10.71 -14.05 7.38
N VAL A 88 9.49 -14.58 7.29
CA VAL A 88 8.48 -14.10 6.34
C VAL A 88 7.21 -13.71 7.09
N SER A 89 6.67 -12.52 6.78
CA SER A 89 5.49 -12.02 7.47
C SER A 89 4.23 -12.43 6.72
N ASN A 90 3.64 -13.53 7.14
CA ASN A 90 2.33 -13.95 6.64
C ASN A 90 1.24 -13.02 7.14
N LYS A 91 0.18 -12.93 6.36
CA LYS A 91 -0.90 -12.00 6.64
C LYS A 91 -2.16 -12.45 5.92
N ALA A 92 -3.27 -12.49 6.65
CA ALA A 92 -4.56 -12.88 6.08
C ALA A 92 -5.68 -11.98 6.59
N TYR A 93 -6.80 -11.95 5.86
CA TYR A 93 -7.89 -11.01 6.14
C TYR A 93 -9.22 -11.72 6.38
N VAL A 94 -9.85 -11.43 7.52
CA VAL A 94 -11.12 -12.05 7.91
C VAL A 94 -12.22 -10.99 7.92
N PHE A 95 -13.23 -11.17 7.06
CA PHE A 95 -14.25 -10.14 6.89
C PHE A 95 -15.13 -10.01 8.13
N GLU A 96 -15.45 -8.77 8.48
CA GLU A 96 -16.31 -8.46 9.63
C GLU A 96 -17.56 -7.73 9.14
N ARG A 97 -18.65 -8.46 8.91
CA ARG A 97 -19.83 -7.90 8.26
C ARG A 97 -20.48 -6.75 9.03
N ASP A 98 -20.60 -6.90 10.34
CA ASP A 98 -21.28 -5.88 11.16
C ASP A 98 -20.44 -4.62 11.34
N GLN A 99 -19.16 -4.68 10.96
CA GLN A 99 -18.30 -3.50 10.94
C GLN A 99 -18.21 -2.85 9.55
N SER A 100 -19.01 -3.34 8.60
CA SER A 100 -18.89 -2.89 7.21
C SER A 100 -20.17 -2.30 6.70
N VAL A 101 -20.10 -1.59 5.57
CA VAL A 101 -21.25 -0.89 5.01
C VAL A 101 -22.21 -1.84 4.28
N GLY A 102 -21.72 -3.03 3.93
CA GLY A 102 -22.55 -4.02 3.25
C GLY A 102 -21.79 -5.30 2.99
N ASP A 103 -22.43 -6.24 2.31
CA ASP A 103 -21.79 -7.51 1.97
C ASP A 103 -21.01 -7.36 0.66
N PRO A 104 -19.67 -7.54 0.71
CA PRO A 104 -18.83 -7.37 -0.49
C PRO A 104 -19.07 -8.41 -1.58
N LYS A 105 -19.61 -9.57 -1.22
CA LYS A 105 -19.98 -10.58 -2.21
C LYS A 105 -21.21 -10.17 -3.02
N ILE A 106 -22.00 -9.23 -2.50
CA ILE A 106 -23.19 -8.74 -3.21
C ILE A 106 -23.01 -7.32 -3.77
N ASP A 107 -22.27 -6.47 -3.05
CA ASP A 107 -22.15 -5.06 -3.42
C ASP A 107 -21.29 -4.82 -4.66
N LEU A 108 -21.83 -3.98 -5.54
CA LEU A 108 -21.26 -3.73 -6.87
C LEU A 108 -20.55 -2.39 -6.94
N ILE A 109 -19.32 -2.40 -7.42
CA ILE A 109 -18.58 -1.17 -7.72
C ILE A 109 -18.33 -1.12 -9.21
N ARG A 110 -18.78 -0.05 -9.85
CA ARG A 110 -18.48 0.19 -11.26
C ARG A 110 -17.24 1.07 -11.38
N THR A 111 -16.20 0.54 -12.03
CA THR A 111 -14.98 1.30 -12.23
C THR A 111 -14.16 0.81 -13.44
N LEU A 112 -12.96 1.36 -13.59
CA LEU A 112 -12.12 1.08 -14.74
C LEU A 112 -11.79 -0.40 -14.89
N ASN A 113 -11.80 -0.85 -16.14
CA ASN A 113 -11.37 -2.19 -16.49
C ASN A 113 -9.85 -2.23 -16.42
N ILE A 114 -9.32 -2.62 -15.27
CA ILE A 114 -7.88 -2.57 -15.07
C ILE A 114 -7.11 -3.63 -15.89
N PRO A 115 -7.64 -4.85 -15.96
CA PRO A 115 -7.04 -5.85 -16.83
C PRO A 115 -6.75 -5.38 -18.24
N VAL A 116 -7.72 -4.72 -18.89
CA VAL A 116 -7.52 -4.33 -20.28
C VAL A 116 -6.60 -3.12 -20.37
N LEU A 117 -6.68 -2.23 -19.39
CA LEU A 117 -5.77 -1.11 -19.30
C LEU A 117 -4.34 -1.58 -19.09
N THR A 118 -4.19 -2.71 -18.41
CA THR A 118 -2.87 -3.28 -18.18
C THR A 118 -2.27 -3.87 -19.44
N VAL A 119 -3.03 -4.76 -20.11
CA VAL A 119 -2.54 -5.37 -21.34
C VAL A 119 -2.29 -4.33 -22.43
N ILE A 120 -3.12 -3.29 -22.47
CA ILE A 120 -2.85 -2.16 -23.35
C ILE A 120 -1.47 -1.60 -23.06
N GLU A 121 -1.24 -1.24 -21.80
CA GLU A 121 0.06 -0.73 -21.39
C GLU A 121 1.19 -1.67 -21.81
N TRP A 122 0.94 -2.97 -21.72
CA TRP A 122 1.91 -3.96 -22.22
C TRP A 122 2.09 -3.89 -23.73
N SER A 123 0.98 -3.79 -24.45
CA SER A 123 1.05 -3.69 -25.91
C SER A 123 1.87 -2.49 -26.29
N GLN A 124 1.67 -1.39 -25.57
CA GLN A 124 2.37 -0.15 -25.83
C GLN A 124 3.86 -0.28 -25.52
N VAL A 125 4.21 -1.13 -24.55
CA VAL A 125 5.61 -1.41 -24.21
C VAL A 125 6.14 -2.61 -25.02
N HIS A 126 5.45 -2.93 -26.11
CA HIS A 126 5.83 -4.04 -27.00
C HIS A 126 6.04 -5.33 -26.23
N PHE A 127 5.11 -5.61 -25.33
CA PHE A 127 5.01 -6.90 -24.65
C PHE A 127 3.69 -7.55 -25.05
N LEU A 128 3.80 -8.69 -25.73
CA LEU A 128 2.64 -9.43 -26.27
C LEU A 128 1.72 -8.55 -27.11
N ARG A 129 2.32 -7.66 -27.90
CA ARG A 129 1.58 -6.64 -28.63
C ARG A 129 0.53 -7.21 -29.58
N GLU A 130 0.96 -8.05 -30.51
CA GLU A 130 0.03 -8.63 -31.48
C GLU A 130 -1.05 -9.40 -30.77
N ILE A 131 -0.62 -10.31 -29.90
CA ILE A 131 -1.55 -11.23 -29.25
C ILE A 131 -2.61 -10.42 -28.52
N ILE A 132 -2.18 -9.42 -27.77
CA ILE A 132 -3.09 -8.52 -27.07
C ILE A 132 -3.98 -7.75 -28.05
N GLU A 133 -3.40 -7.28 -29.14
CA GLU A 133 -4.12 -6.42 -30.08
C GLU A 133 -5.19 -7.18 -30.82
N ALA A 134 -4.86 -8.41 -31.22
CA ALA A 134 -5.79 -9.24 -31.97
C ALA A 134 -7.02 -9.56 -31.13
N MET A 135 -6.80 -9.88 -29.86
CA MET A 135 -7.88 -10.28 -28.98
C MET A 135 -8.84 -9.14 -28.71
N LEU A 136 -8.31 -7.96 -28.38
CA LEU A 136 -9.14 -6.78 -28.16
C LEU A 136 -10.02 -6.45 -29.36
N LYS A 137 -9.42 -6.57 -30.55
CA LYS A 137 -10.11 -6.39 -31.83
C LYS A 137 -11.20 -7.46 -32.04
N ALA A 138 -10.87 -8.71 -31.73
CA ALA A 138 -11.81 -9.81 -31.81
C ALA A 138 -12.98 -9.66 -30.82
N TYR A 139 -12.67 -9.39 -29.56
CA TYR A 139 -13.66 -9.32 -28.48
C TYR A 139 -13.71 -7.93 -27.86
N GLN A 140 -14.65 -7.12 -28.32
CA GLN A 140 -14.78 -5.73 -27.85
C GLN A 140 -14.94 -5.71 -26.34
N GLN A 141 -14.20 -4.80 -25.70
CA GLN A 141 -14.22 -4.66 -24.25
C GLN A 141 -14.75 -3.30 -23.85
N LYS A 142 -15.34 -3.23 -22.66
CA LYS A 142 -15.79 -1.98 -22.10
C LYS A 142 -14.69 -1.41 -21.22
N LEU A 143 -14.52 -0.09 -21.25
CA LEU A 143 -13.52 0.57 -20.40
C LEU A 143 -13.97 0.63 -18.93
N PHE A 144 -15.28 0.80 -18.71
CA PHE A 144 -15.85 0.72 -17.37
C PHE A 144 -16.68 -0.55 -17.22
N VAL A 145 -16.48 -1.21 -16.08
CA VAL A 145 -17.13 -2.47 -15.79
C VAL A 145 -17.71 -2.39 -14.40
N THR A 146 -18.52 -3.38 -14.06
CA THR A 146 -19.13 -3.47 -12.76
C THR A 146 -18.89 -4.86 -12.25
N HIS A 147 -18.33 -4.95 -11.05
CA HIS A 147 -18.10 -6.22 -10.39
C HIS A 147 -18.33 -6.04 -8.90
N THR A 148 -18.35 -7.16 -8.19
CA THR A 148 -18.57 -7.13 -6.75
C THR A 148 -17.31 -6.63 -6.05
N VAL A 149 -17.49 -6.06 -4.86
CA VAL A 149 -16.36 -5.61 -4.05
C VAL A 149 -15.43 -6.79 -3.77
N ASP A 150 -15.99 -7.97 -3.59
CA ASP A 150 -15.20 -9.16 -3.34
C ASP A 150 -14.38 -9.52 -4.57
N GLU A 151 -15.01 -9.45 -5.74
CA GLU A 151 -14.31 -9.76 -6.98
C GLU A 151 -13.14 -8.80 -7.20
N LEU A 152 -13.37 -7.50 -6.99
CA LEU A 152 -12.31 -6.52 -7.20
C LEU A 152 -11.12 -6.74 -6.28
N LEU A 153 -11.39 -7.06 -5.02
CA LEU A 153 -10.34 -7.23 -4.04
C LEU A 153 -9.56 -8.52 -4.23
N TRP A 154 -10.27 -9.64 -4.15
CA TRP A 154 -9.62 -10.95 -4.06
C TRP A 154 -9.56 -11.68 -5.41
N GLY A 155 -10.28 -11.15 -6.41
CA GLY A 155 -10.02 -11.52 -7.79
C GLY A 155 -11.19 -12.14 -8.53
N TYR A 156 -11.12 -12.04 -9.86
CA TYR A 156 -12.11 -12.61 -10.75
C TYR A 156 -11.48 -12.92 -12.09
N LYS A 157 -12.10 -13.83 -12.83
CA LYS A 157 -11.61 -14.23 -14.13
C LYS A 157 -11.95 -13.15 -15.15
N ASP A 158 -10.97 -12.74 -15.96
CA ASP A 158 -11.19 -11.77 -17.02
C ASP A 158 -11.11 -12.42 -18.39
N GLU A 159 -12.00 -12.03 -19.28
CA GLU A 159 -11.98 -12.52 -20.66
C GLU A 159 -10.56 -12.48 -21.24
N ILE A 160 -10.02 -11.28 -21.38
CA ILE A 160 -8.82 -11.06 -22.19
C ILE A 160 -7.60 -11.75 -21.58
N LEU A 161 -7.51 -11.77 -20.25
CA LEU A 161 -6.46 -12.50 -19.59
C LEU A 161 -6.61 -14.00 -19.82
N SER A 162 -7.84 -14.50 -19.86
CA SER A 162 -8.10 -15.92 -20.14
C SER A 162 -7.69 -16.31 -21.56
N LEU A 163 -7.92 -15.40 -22.50
CA LEU A 163 -7.58 -15.65 -23.89
C LEU A 163 -6.08 -15.67 -24.07
N ILE A 164 -5.38 -14.83 -23.33
CA ILE A 164 -3.92 -14.77 -23.37
C ILE A 164 -3.32 -15.99 -22.67
N HIS A 165 -3.88 -16.31 -21.51
CA HIS A 165 -3.47 -17.49 -20.75
C HIS A 165 -3.41 -18.76 -21.60
N VAL A 166 -4.32 -18.89 -22.56
CA VAL A 166 -4.32 -20.04 -23.47
C VAL A 166 -2.96 -20.21 -24.15
N PHE A 167 -2.38 -19.09 -24.58
CA PHE A 167 -1.11 -19.11 -25.28
C PHE A 167 0.08 -18.93 -24.35
N ARG A 168 -0.09 -18.15 -23.29
CA ARG A 168 0.98 -17.88 -22.35
C ARG A 168 0.54 -18.22 -20.93
N PRO A 169 0.72 -19.49 -20.53
CA PRO A 169 0.34 -20.00 -19.21
C PRO A 169 0.95 -19.26 -18.03
N ASP A 170 2.14 -18.68 -18.24
CA ASP A 170 2.78 -17.82 -17.25
C ASP A 170 1.91 -16.62 -16.80
N ILE A 171 0.98 -16.20 -17.65
CA ILE A 171 0.13 -15.05 -17.36
C ILE A 171 -1.23 -15.48 -16.83
N SER A 172 -1.60 -14.92 -15.68
CA SER A 172 -2.77 -15.35 -14.92
C SER A 172 -4.05 -14.82 -15.54
N PRO A 173 -5.07 -15.69 -15.69
CA PRO A 173 -6.38 -15.27 -16.21
C PRO A 173 -7.18 -14.44 -15.21
N TYR A 174 -6.83 -14.55 -13.93
CA TYR A 174 -7.51 -13.81 -12.88
C TYR A 174 -6.74 -12.54 -12.55
N PHE A 175 -7.48 -11.53 -12.13
CA PHE A 175 -6.91 -10.28 -11.63
C PHE A 175 -7.70 -9.82 -10.43
N GLY A 176 -7.01 -9.20 -9.48
CA GLY A 176 -7.62 -8.60 -8.29
C GLY A 176 -6.61 -7.75 -7.54
N LEU A 177 -7.05 -6.58 -7.06
CA LEU A 177 -6.18 -5.69 -6.30
C LEU A 177 -5.35 -6.45 -5.27
N PHE A 178 -5.96 -7.43 -4.60
CA PHE A 178 -5.25 -8.25 -3.61
C PHE A 178 -5.29 -9.73 -3.98
N TYR A 179 -5.11 -10.01 -5.27
CA TYR A 179 -5.17 -11.38 -5.75
C TYR A 179 -4.01 -12.19 -5.17
N GLU A 180 -4.34 -13.35 -4.59
CA GLU A 180 -3.36 -14.27 -4.00
C GLU A 180 -2.53 -13.64 -2.88
N LYS A 181 -3.11 -12.66 -2.19
CA LYS A 181 -2.43 -12.01 -1.07
C LYS A 181 -2.92 -12.54 0.27
N ASN A 182 -4.08 -13.19 0.27
CA ASN A 182 -4.60 -13.74 1.51
C ASN A 182 -3.80 -14.96 1.94
N GLY A 183 -3.26 -14.89 3.16
CA GLY A 183 -2.51 -15.99 3.74
C GLY A 183 -1.11 -16.16 3.17
N THR A 184 -0.54 -15.10 2.61
CA THR A 184 0.82 -15.12 2.07
C THR A 184 1.66 -13.98 2.63
N ASN A 185 2.94 -13.98 2.28
CA ASN A 185 3.86 -12.93 2.70
C ASN A 185 4.27 -12.06 1.52
N ASP A 186 5.11 -11.08 1.79
CA ASP A 186 5.66 -10.22 0.76
C ASP A 186 7.15 -10.47 0.57
N GLY A 187 7.55 -11.73 0.67
CA GLY A 187 8.93 -12.14 0.38
C GLY A 187 9.79 -12.41 1.60
N ASP A 188 11.00 -12.89 1.33
CA ASP A 188 11.99 -13.20 2.36
C ASP A 188 12.66 -11.96 2.86
N TYR A 189 12.56 -11.73 4.16
CA TYR A 189 13.27 -10.66 4.82
C TYR A 189 14.36 -11.25 5.67
N VAL A 190 15.36 -10.43 5.98
CA VAL A 190 16.25 -10.70 7.10
C VAL A 190 16.29 -9.43 7.92
N PHE A 191 15.81 -9.51 9.15
CA PHE A 191 15.72 -8.36 10.02
C PHE A 191 16.93 -8.28 10.93
N LEU A 192 17.18 -7.09 11.43
CA LEU A 192 18.28 -6.81 12.31
C LEU A 192 17.70 -6.65 13.71
N THR A 193 18.03 -7.57 14.61
CA THR A 193 17.55 -7.47 15.99
C THR A 193 18.41 -6.48 16.78
N GLY A 194 17.97 -6.17 17.99
CA GLY A 194 18.61 -5.15 18.81
C GLY A 194 19.91 -5.56 19.48
N GLU A 195 20.35 -6.79 19.24
CA GLU A 195 21.54 -7.33 19.89
C GLU A 195 22.76 -6.42 19.79
N ASP A 196 23.11 -6.02 18.57
CA ASP A 196 24.28 -5.16 18.33
C ASP A 196 24.09 -3.75 18.87
N SER A 197 22.86 -3.24 18.74
CA SER A 197 22.51 -1.90 19.17
C SER A 197 20.99 -1.82 19.19
N TYR A 198 20.44 -1.28 20.28
CA TYR A 198 19.00 -1.15 20.40
C TYR A 198 18.43 -0.23 19.32
N LEU A 199 19.24 0.69 18.80
CA LEU A 199 18.82 1.61 17.73
C LEU A 199 18.43 0.87 16.46
N ASN A 200 19.21 -0.16 16.11
CA ASN A 200 18.98 -0.93 14.89
C ASN A 200 18.08 -2.16 15.13
N PHE A 201 16.96 -1.91 15.83
CA PHE A 201 15.99 -2.95 16.22
C PHE A 201 14.99 -3.16 15.10
N THR A 202 14.60 -4.42 14.92
CA THR A 202 13.72 -4.83 13.82
C THR A 202 13.99 -4.09 12.50
N LYS A 203 15.23 -3.65 12.32
CA LYS A 203 15.63 -2.90 11.14
C LYS A 203 15.79 -3.91 10.00
N ILE A 204 15.63 -3.45 8.77
CA ILE A 204 15.70 -4.31 7.61
C ILE A 204 17.06 -4.23 6.96
N VAL A 205 17.68 -5.39 6.69
CA VAL A 205 18.95 -5.43 5.96
C VAL A 205 18.85 -6.08 4.57
N GLU A 206 17.90 -6.99 4.35
CA GLU A 206 17.64 -7.51 3.00
C GLU A 206 16.18 -7.85 2.74
N TRP A 207 15.87 -8.00 1.47
CA TRP A 207 14.55 -8.41 0.99
C TRP A 207 14.73 -9.20 -0.30
N ASN A 208 14.29 -10.46 -0.30
CA ASN A 208 14.55 -11.39 -1.41
C ASN A 208 16.04 -11.51 -1.72
N GLY A 209 16.85 -11.56 -0.66
CA GLY A 209 18.30 -11.68 -0.80
C GLY A 209 19.05 -10.43 -1.27
N LYS A 210 18.34 -9.31 -1.40
CA LYS A 210 18.90 -8.08 -1.95
C LYS A 210 18.87 -6.95 -0.93
N THR A 211 20.01 -6.28 -0.73
CA THR A 211 20.14 -5.21 0.27
C THR A 211 19.66 -3.84 -0.24
N SER A 212 19.23 -3.76 -1.49
CA SER A 212 18.64 -2.54 -2.03
C SER A 212 17.64 -2.86 -3.14
N LEU A 213 17.01 -1.81 -3.68
CA LEU A 213 16.10 -1.94 -4.81
C LEU A 213 16.90 -1.79 -6.09
N ASP A 214 16.19 -1.81 -7.22
CA ASP A 214 16.83 -1.56 -8.51
C ASP A 214 15.91 -0.95 -9.58
N TRP A 215 14.68 -0.60 -9.24
CA TRP A 215 13.79 -0.02 -10.25
C TRP A 215 13.75 1.50 -10.25
N TRP A 216 14.28 2.14 -9.19
CA TRP A 216 14.38 3.60 -9.16
C TRP A 216 15.73 4.09 -9.68
N ILE A 217 15.80 5.36 -10.06
CA ILE A 217 16.94 5.89 -10.81
C ILE A 217 18.20 6.00 -9.96
N THR A 218 18.11 6.77 -8.89
CA THR A 218 19.28 7.07 -8.06
C THR A 218 19.56 5.90 -7.12
N ASP A 219 20.83 5.74 -6.76
CA ASP A 219 21.21 4.79 -5.72
C ASP A 219 20.50 5.14 -4.42
N LYS A 220 20.42 6.44 -4.15
CA LYS A 220 19.65 6.99 -3.03
C LYS A 220 18.20 6.48 -2.98
N CYS A 221 17.50 6.59 -4.12
CA CYS A 221 16.08 6.20 -4.17
C CYS A 221 15.87 4.69 -4.06
N ASN A 222 16.87 3.91 -4.46
CA ASN A 222 16.80 2.45 -4.34
C ASN A 222 17.18 1.90 -2.96
N MET A 223 17.52 2.76 -2.01
CA MET A 223 17.89 2.30 -0.66
C MET A 223 16.69 1.75 0.11
N ILE A 224 16.97 0.82 1.02
CA ILE A 224 15.95 0.23 1.89
C ILE A 224 16.22 0.65 3.33
N ASN A 225 15.60 1.76 3.73
CA ASN A 225 15.78 2.34 5.05
C ASN A 225 14.64 1.95 6.01
N GLY A 226 14.99 1.69 7.26
CA GLY A 226 13.99 1.58 8.34
C GLY A 226 13.51 0.19 8.71
N THR A 227 12.34 0.14 9.36
CA THR A 227 11.71 -1.13 9.72
C THR A 227 10.53 -1.43 8.79
N ASP A 228 9.97 -2.64 8.92
CA ASP A 228 8.81 -3.03 8.10
C ASP A 228 7.60 -2.13 8.35
N GLY A 229 7.62 -1.40 9.47
CA GLY A 229 6.60 -0.41 9.77
C GLY A 229 5.79 -0.79 11.00
N ASP A 230 5.75 -2.09 11.30
CA ASP A 230 4.92 -2.60 12.39
C ASP A 230 5.47 -2.34 13.80
N SER A 231 6.71 -1.90 13.91
CA SER A 231 7.30 -1.52 15.20
C SER A 231 8.54 -0.67 14.98
N PHE A 232 9.10 -0.17 16.08
CA PHE A 232 10.25 0.73 16.01
C PHE A 232 11.26 0.45 17.11
N HIS A 233 12.41 1.12 17.02
CA HIS A 233 13.45 1.04 18.04
C HIS A 233 13.02 1.82 19.29
N PRO A 234 13.40 1.32 20.48
CA PRO A 234 13.01 2.00 21.73
C PRO A 234 13.76 3.29 22.00
N LEU A 235 13.21 4.11 22.88
CA LEU A 235 13.79 5.38 23.30
C LEU A 235 13.87 6.34 22.12
N ILE A 236 12.72 6.60 21.53
CA ILE A 236 12.60 7.55 20.44
C ILE A 236 12.65 8.97 21.00
N THR A 237 13.22 9.89 20.23
CA THR A 237 13.21 11.30 20.59
C THR A 237 12.57 12.15 19.48
N LYS A 238 11.61 12.97 19.89
CA LYS A 238 10.93 13.94 19.03
C LYS A 238 11.77 14.59 17.92
N ASP A 239 13.07 14.80 18.18
CA ASP A 239 13.95 15.45 17.20
C ASP A 239 14.25 14.58 15.97
N GLU A 240 14.08 13.27 16.11
CA GLU A 240 14.56 12.35 15.08
C GLU A 240 13.48 11.91 14.09
N VAL A 241 13.94 11.67 12.86
CA VAL A 241 13.09 11.20 11.78
C VAL A 241 13.12 9.68 11.77
N LEU A 242 12.01 9.06 11.35
CA LEU A 242 11.89 7.61 11.38
C LEU A 242 11.62 7.03 10.01
N TYR A 243 12.48 6.11 9.57
CA TYR A 243 12.37 5.53 8.23
C TYR A 243 11.61 4.22 8.22
N VAL A 244 10.86 3.98 7.15
CA VAL A 244 10.05 2.77 6.98
C VAL A 244 10.25 2.23 5.58
N PHE A 245 10.22 0.91 5.44
CA PHE A 245 10.12 0.30 4.11
C PHE A 245 8.80 -0.46 3.97
N PRO A 246 7.75 0.24 3.55
CA PRO A 246 6.53 -0.47 3.17
C PRO A 246 6.69 -1.02 1.75
N SER A 247 6.96 -2.33 1.68
CA SER A 247 7.11 -3.06 0.41
C SER A 247 6.05 -2.73 -0.63
N ASP A 248 4.78 -2.66 -0.23
CA ASP A 248 3.68 -2.43 -1.18
C ASP A 248 3.75 -1.05 -1.83
N PHE A 249 4.42 -0.11 -1.18
CA PHE A 249 4.63 1.23 -1.72
C PHE A 249 5.80 1.31 -2.69
N CYS A 250 6.63 0.26 -2.72
CA CYS A 250 7.76 0.11 -3.64
C CYS A 250 8.90 1.09 -3.41
N ARG A 251 9.01 1.62 -2.19
CA ARG A 251 10.11 2.52 -1.83
C ARG A 251 10.11 2.77 -0.34
N SER A 252 11.28 3.13 0.18
CA SER A 252 11.40 3.56 1.56
C SER A 252 10.77 4.94 1.73
N VAL A 253 10.45 5.26 2.98
CA VAL A 253 9.78 6.51 3.34
C VAL A 253 10.23 6.93 4.74
N TYR A 254 10.12 8.22 5.04
CA TYR A 254 10.31 8.67 6.40
C TYR A 254 9.05 9.34 6.95
N ILE A 255 8.91 9.31 8.26
CA ILE A 255 7.83 10.00 8.96
C ILE A 255 8.45 10.89 10.01
N THR A 256 7.82 12.03 10.26
CA THR A 256 8.37 13.04 11.15
C THR A 256 7.37 13.43 12.24
N PHE A 257 7.93 13.86 13.36
CA PHE A 257 7.15 14.18 14.55
C PHE A 257 6.14 15.29 14.27
N SER A 258 4.90 15.05 14.66
CA SER A 258 3.78 15.97 14.43
C SER A 258 3.35 16.66 15.72
N ASP A 259 3.04 15.87 16.75
CA ASP A 259 2.67 16.40 18.06
C ASP A 259 2.54 15.32 19.14
N TYR A 260 2.21 15.74 20.37
CA TYR A 260 2.09 14.83 21.51
C TYR A 260 0.68 14.27 21.64
N GLU A 261 0.57 12.98 21.90
CA GLU A 261 -0.71 12.32 22.06
C GLU A 261 -0.69 11.37 23.24
N SER A 262 -1.87 11.02 23.73
CA SER A 262 -2.01 10.04 24.80
C SER A 262 -2.94 8.95 24.32
N VAL A 263 -2.54 7.71 24.55
CA VAL A 263 -3.33 6.56 24.15
C VAL A 263 -3.39 5.64 25.36
N GLN A 264 -4.59 5.55 25.95
CA GLN A 264 -4.74 5.05 27.33
C GLN A 264 -3.86 5.96 28.23
N GLY A 265 -3.15 5.40 29.20
CA GLY A 265 -2.26 6.19 30.05
C GLY A 265 -0.90 6.47 29.43
N LEU A 266 -0.61 5.84 28.30
CA LEU A 266 0.75 5.83 27.76
C LEU A 266 1.08 7.08 26.93
N PRO A 267 2.29 7.63 27.14
CA PRO A 267 2.74 8.74 26.30
C PRO A 267 3.01 8.25 24.87
N ALA A 268 2.76 9.10 23.88
CA ALA A 268 2.93 8.72 22.49
C ALA A 268 3.28 9.90 21.61
N PHE A 269 4.31 9.73 20.78
CA PHE A 269 4.61 10.70 19.73
C PHE A 269 3.81 10.40 18.48
N ARG A 270 3.22 11.44 17.90
CA ARG A 270 2.44 11.35 16.68
C ARG A 270 3.35 11.63 15.49
N TYR A 271 3.75 10.56 14.80
CA TYR A 271 4.56 10.67 13.59
C TYR A 271 3.67 10.55 12.36
N LYS A 272 3.74 11.53 11.48
CA LYS A 272 2.95 11.56 10.25
C LYS A 272 3.85 11.56 9.03
N VAL A 273 3.26 11.23 7.89
CA VAL A 273 3.94 11.27 6.60
C VAL A 273 3.97 12.73 6.13
N PRO A 274 5.16 13.32 5.99
CA PRO A 274 5.18 14.70 5.53
C PRO A 274 4.92 14.80 4.03
N ALA A 275 4.64 16.00 3.55
CA ALA A 275 4.34 16.21 2.12
C ALA A 275 5.59 16.21 1.24
N GLU A 276 6.78 16.27 1.85
CA GLU A 276 8.04 16.13 1.13
C GLU A 276 8.15 14.78 0.45
N ILE A 277 7.47 13.79 1.01
CA ILE A 277 7.61 12.42 0.56
C ILE A 277 7.16 12.24 -0.90
N LEU A 278 6.08 12.90 -1.30
CA LEU A 278 5.55 12.78 -2.67
C LEU A 278 5.55 14.10 -3.42
N ALA A 279 6.41 15.03 -3.00
CA ALA A 279 6.46 16.35 -3.63
C ALA A 279 7.22 16.28 -4.94
N ASN A 280 6.80 17.09 -5.92
CA ASN A 280 7.51 17.21 -7.19
C ASN A 280 8.77 18.07 -7.02
N THR A 281 9.85 17.41 -6.59
CA THR A 281 11.14 18.08 -6.37
C THR A 281 12.26 17.28 -7.03
N SER A 282 13.42 17.91 -7.15
CA SER A 282 14.61 17.26 -7.72
C SER A 282 15.05 16.05 -6.88
N ASP A 283 14.83 16.13 -5.58
CA ASP A 283 15.15 15.02 -4.68
C ASP A 283 14.37 13.78 -5.10
N ASN A 284 13.07 13.94 -5.23
CA ASN A 284 12.18 12.86 -5.64
C ASN A 284 12.13 12.62 -7.15
N ALA A 285 12.99 13.31 -7.91
CA ALA A 285 13.06 13.14 -9.35
C ALA A 285 13.46 11.72 -9.74
N GLY A 286 14.25 11.08 -8.89
CA GLY A 286 14.70 9.70 -9.13
C GLY A 286 13.62 8.63 -9.03
N PHE A 287 12.42 9.01 -8.58
CA PHE A 287 11.28 8.11 -8.56
C PHE A 287 10.44 8.20 -9.84
N CYS A 288 10.78 9.14 -10.73
CA CYS A 288 9.94 9.46 -11.88
C CYS A 288 10.55 8.90 -13.18
N ILE A 289 10.60 7.57 -13.25
CA ILE A 289 11.09 6.86 -14.44
C ILE A 289 10.27 7.26 -15.67
N PRO A 290 10.92 7.37 -16.84
CA PRO A 290 12.33 7.11 -17.15
C PRO A 290 13.27 8.28 -16.87
N GLU A 291 13.04 9.41 -17.50
CA GLU A 291 13.88 10.58 -17.32
C GLU A 291 13.21 11.53 -16.33
N GLY A 292 13.31 11.19 -15.05
CA GLY A 292 12.87 12.03 -13.94
C GLY A 292 11.75 13.03 -14.23
N ASN A 293 10.75 12.62 -14.99
CA ASN A 293 9.66 13.50 -15.38
C ASN A 293 8.41 13.19 -14.58
N CYS A 294 8.17 13.94 -13.50
CA CYS A 294 7.12 13.59 -12.52
C CYS A 294 5.78 14.19 -12.88
N LEU A 295 4.72 13.49 -12.48
CA LEU A 295 3.33 13.88 -12.75
C LEU A 295 2.84 15.08 -11.95
N GLY A 296 3.52 15.40 -10.86
CA GLY A 296 3.12 16.51 -9.99
C GLY A 296 3.16 16.04 -8.56
N SER A 297 3.04 16.99 -7.63
CA SER A 297 3.14 16.67 -6.21
C SER A 297 1.97 15.78 -5.75
N GLY A 298 2.30 14.73 -5.00
CA GLY A 298 1.31 13.97 -4.24
C GLY A 298 0.92 12.62 -4.80
N VAL A 299 1.67 12.11 -5.78
CA VAL A 299 1.38 10.80 -6.41
C VAL A 299 2.66 10.04 -6.75
N LEU A 300 2.54 8.75 -7.05
CA LEU A 300 3.70 7.91 -7.33
C LEU A 300 3.44 6.79 -8.35
N ASN A 301 4.03 6.90 -9.53
CA ASN A 301 3.90 5.88 -10.58
C ASN A 301 4.66 4.62 -10.20
N VAL A 302 3.92 3.54 -9.99
CA VAL A 302 4.49 2.27 -9.55
C VAL A 302 4.25 1.15 -10.56
N SER A 303 4.01 1.53 -11.81
CA SER A 303 3.88 0.57 -12.89
C SER A 303 4.94 -0.52 -12.79
N ILE A 304 6.20 -0.11 -12.70
CA ILE A 304 7.33 -1.05 -12.66
C ILE A 304 7.09 -2.20 -11.69
N CYS A 305 6.93 -1.88 -10.41
CA CYS A 305 6.83 -2.92 -9.39
C CYS A 305 5.50 -3.64 -9.37
N LYS A 306 4.47 -3.05 -9.99
CA LYS A 306 3.17 -3.72 -10.13
C LYS A 306 2.99 -4.33 -11.52
N ASN A 307 4.10 -4.80 -12.10
CA ASN A 307 4.04 -5.64 -13.29
C ASN A 307 3.54 -4.90 -14.53
N GLY A 308 4.08 -3.70 -14.75
CA GLY A 308 3.75 -2.91 -15.93
C GLY A 308 2.33 -2.36 -16.01
N ALA A 309 1.54 -2.53 -14.95
CA ALA A 309 0.19 -1.95 -14.91
C ALA A 309 0.26 -0.46 -14.61
N PRO A 310 -0.70 0.33 -15.12
CA PRO A 310 -0.65 1.79 -14.99
C PRO A 310 -1.17 2.26 -13.63
N ILE A 311 -0.52 1.78 -12.58
CA ILE A 311 -0.95 2.04 -11.23
C ILE A 311 -0.22 3.25 -10.68
N ILE A 312 -0.99 4.18 -10.14
CA ILE A 312 -0.43 5.35 -9.49
C ILE A 312 -0.91 5.36 -8.05
N MET A 313 0.02 5.26 -7.11
CA MET A 313 -0.31 5.42 -5.70
C MET A 313 -0.45 6.91 -5.39
N SER A 314 -1.24 7.19 -4.37
CA SER A 314 -1.38 8.53 -3.82
C SER A 314 -2.00 8.39 -2.46
N PHE A 315 -2.27 9.52 -1.82
CA PHE A 315 -2.99 9.51 -0.57
C PHE A 315 -4.47 9.59 -0.90
N PRO A 316 -5.34 9.33 0.09
CA PRO A 316 -6.75 9.38 -0.17
C PRO A 316 -7.22 10.77 -0.58
N HIS A 317 -8.10 10.81 -1.57
CA HIS A 317 -8.61 12.07 -2.15
C HIS A 317 -7.54 13.06 -2.63
N PHE A 318 -6.36 12.54 -2.96
CA PHE A 318 -5.22 13.37 -3.34
C PHE A 318 -4.89 14.42 -2.27
N TYR A 319 -4.95 14.00 -1.02
CA TYR A 319 -4.50 14.82 0.11
C TYR A 319 -2.99 15.01 -0.06
N GLN A 320 -2.51 16.21 0.27
CA GLN A 320 -1.10 16.58 0.07
C GLN A 320 -0.65 16.52 -1.40
N ALA A 321 -1.59 16.74 -2.32
CA ALA A 321 -1.26 16.63 -3.74
C ALA A 321 -1.56 17.94 -4.45
N ASP A 322 -1.07 18.06 -5.68
CA ASP A 322 -1.39 19.20 -6.52
C ASP A 322 -2.91 19.26 -6.69
N GLU A 323 -3.45 20.48 -6.73
CA GLU A 323 -4.89 20.68 -6.69
C GLU A 323 -5.58 20.22 -7.96
N ARG A 324 -4.92 20.36 -9.09
CA ARG A 324 -5.50 19.94 -10.38
C ARG A 324 -5.81 18.43 -10.44
N PHE A 325 -5.13 17.64 -9.62
CA PHE A 325 -5.52 16.23 -9.41
C PHE A 325 -6.90 16.14 -8.77
N VAL A 326 -7.11 16.94 -7.73
CA VAL A 326 -8.38 16.99 -7.04
C VAL A 326 -9.48 17.54 -7.97
N SER A 327 -9.15 18.62 -8.69
CA SER A 327 -10.08 19.25 -9.64
C SER A 327 -10.49 18.32 -10.78
N ALA A 328 -9.60 17.42 -11.16
CA ALA A 328 -9.84 16.54 -12.30
C ALA A 328 -11.02 15.61 -12.07
N ILE A 329 -11.20 15.19 -10.82
CA ILE A 329 -12.18 14.17 -10.46
C ILE A 329 -13.23 14.71 -9.49
N GLU A 330 -14.45 14.91 -9.98
CA GLU A 330 -15.53 15.41 -9.13
C GLU A 330 -15.84 14.35 -8.08
N GLY A 331 -15.95 14.76 -6.81
CA GLY A 331 -16.16 13.83 -5.71
C GLY A 331 -14.93 13.63 -4.85
N MET A 332 -13.83 14.28 -5.20
CA MET A 332 -12.61 14.24 -4.41
C MET A 332 -12.60 15.41 -3.45
N HIS A 333 -12.99 15.16 -2.20
CA HIS A 333 -12.90 16.14 -1.15
C HIS A 333 -11.90 15.69 -0.07
N PRO A 334 -10.63 16.15 -0.16
CA PRO A 334 -9.65 15.75 0.83
C PRO A 334 -9.68 16.61 2.11
N ASN A 335 -9.33 15.99 3.23
CA ASN A 335 -9.13 16.67 4.51
C ASN A 335 -8.15 15.84 5.37
N GLN A 336 -7.44 16.54 6.25
CA GLN A 336 -6.34 15.96 7.03
C GLN A 336 -6.83 14.89 7.98
N GLU A 337 -7.85 15.23 8.76
CA GLU A 337 -8.38 14.35 9.79
C GLU A 337 -8.71 12.97 9.23
N ASP A 338 -9.47 12.95 8.15
CA ASP A 338 -9.92 11.69 7.56
C ASP A 338 -8.86 10.96 6.73
N HIS A 339 -7.94 11.69 6.10
CA HIS A 339 -7.10 11.08 5.04
C HIS A 339 -5.59 11.04 5.25
N GLU A 340 -5.09 11.71 6.28
CA GLU A 340 -3.65 11.70 6.54
C GLU A 340 -3.21 10.34 7.02
N THR A 341 -1.90 10.11 6.99
CA THR A 341 -1.33 8.88 7.52
C THR A 341 -0.56 9.23 8.78
N PHE A 342 -0.96 8.63 9.90
CA PHE A 342 -0.35 8.92 11.20
C PHE A 342 -0.10 7.66 12.00
N VAL A 343 0.79 7.77 12.98
CA VAL A 343 1.10 6.65 13.86
C VAL A 343 1.59 7.18 15.21
N ASP A 344 0.96 6.71 16.29
CA ASP A 344 1.21 7.20 17.65
C ASP A 344 2.12 6.22 18.39
N ILE A 345 3.39 6.56 18.49
CA ILE A 345 4.39 5.63 18.99
C ILE A 345 4.79 5.96 20.42
N ASN A 346 4.71 4.96 21.29
CA ASN A 346 5.24 5.07 22.63
C ASN A 346 6.73 5.38 22.55
N PRO A 347 7.12 6.60 22.91
CA PRO A 347 8.52 6.97 22.69
C PRO A 347 9.50 6.03 23.40
N LEU A 348 9.11 5.55 24.56
CA LEU A 348 9.99 4.77 25.42
C LEU A 348 10.35 3.40 24.83
N THR A 349 9.35 2.67 24.35
CA THR A 349 9.56 1.30 23.89
C THR A 349 9.53 1.14 22.37
N GLY A 350 9.31 2.25 21.66
CA GLY A 350 9.19 2.21 20.21
C GLY A 350 8.10 1.28 19.75
N ILE A 351 7.04 1.19 20.55
CA ILE A 351 5.89 0.35 20.21
C ILE A 351 4.75 1.24 19.74
N ILE A 352 4.00 0.76 18.76
CA ILE A 352 2.90 1.52 18.20
C ILE A 352 1.67 1.30 19.07
N LEU A 353 0.93 2.38 19.31
CA LEU A 353 -0.27 2.34 20.14
C LEU A 353 -1.53 2.57 19.32
N LYS A 354 -1.46 3.54 18.42
CA LYS A 354 -2.56 3.85 17.51
C LYS A 354 -1.98 4.31 16.18
N ALA A 355 -2.63 3.95 15.07
CA ALA A 355 -2.14 4.31 13.74
C ALA A 355 -3.21 4.12 12.68
N ALA A 356 -3.22 5.02 11.70
CA ALA A 356 -4.05 4.87 10.52
C ALA A 356 -3.16 4.98 9.31
N LYS A 357 -2.70 3.83 8.80
CA LYS A 357 -1.91 3.80 7.59
C LYS A 357 -2.88 3.89 6.41
N ARG A 358 -2.91 5.06 5.76
CA ARG A 358 -3.89 5.34 4.71
C ARG A 358 -3.25 5.74 3.37
N PHE A 359 -3.78 5.16 2.28
CA PHE A 359 -3.33 5.47 0.92
C PHE A 359 -4.33 5.00 -0.13
N GLN A 360 -4.19 5.56 -1.33
CA GLN A 360 -5.14 5.40 -2.43
C GLN A 360 -4.52 4.62 -3.56
N ILE A 361 -5.36 3.99 -4.37
CA ILE A 361 -4.92 3.39 -5.61
C ILE A 361 -5.60 4.08 -6.76
N ASN A 362 -4.80 4.56 -7.70
CA ASN A 362 -5.29 5.24 -8.88
C ASN A 362 -4.79 4.57 -10.13
N ILE A 363 -5.38 4.96 -11.26
CA ILE A 363 -5.00 4.44 -12.56
C ILE A 363 -4.74 5.61 -13.51
N TYR A 364 -3.60 5.59 -14.18
CA TYR A 364 -3.32 6.58 -15.20
C TYR A 364 -4.13 6.24 -16.44
N VAL A 365 -4.84 7.21 -16.97
CA VAL A 365 -5.72 6.95 -18.12
C VAL A 365 -5.69 8.10 -19.12
N LYS A 366 -5.58 7.76 -20.40
CA LYS A 366 -5.51 8.75 -21.48
C LYS A 366 -6.12 8.23 -22.78
N LYS A 367 -6.53 9.16 -23.65
CA LYS A 367 -7.10 8.80 -24.95
C LYS A 367 -6.04 8.18 -25.87
N LEU A 368 -6.43 7.13 -26.60
CA LEU A 368 -5.53 6.51 -27.57
C LEU A 368 -6.28 6.25 -28.86
N ASP A 369 -5.70 6.71 -29.96
CA ASP A 369 -6.33 6.67 -31.28
C ASP A 369 -6.44 5.24 -31.80
N ASP A 370 -5.40 4.45 -31.53
CA ASP A 370 -5.37 3.04 -31.93
C ASP A 370 -6.39 2.20 -31.17
N PHE A 371 -6.79 2.66 -29.98
CA PHE A 371 -7.70 1.91 -29.12
C PHE A 371 -9.00 2.68 -28.87
N VAL A 372 -9.99 2.41 -29.71
CA VAL A 372 -11.33 2.99 -29.58
C VAL A 372 -11.93 2.86 -28.18
N GLU A 373 -11.56 1.80 -27.47
CA GLU A 373 -12.00 1.57 -26.09
C GLU A 373 -11.82 2.79 -25.20
N THR A 374 -10.80 3.60 -25.50
CA THR A 374 -10.49 4.81 -24.75
C THR A 374 -11.40 5.98 -25.10
N GLY A 375 -12.16 5.85 -26.19
CA GLY A 375 -13.09 6.89 -26.61
C GLY A 375 -12.38 8.22 -26.71
N ASP A 376 -12.94 9.24 -26.07
CA ASP A 376 -12.29 10.54 -25.96
C ASP A 376 -12.03 10.86 -24.50
N ILE A 377 -11.47 9.92 -23.75
CA ILE A 377 -11.26 10.11 -22.34
C ILE A 377 -10.13 11.10 -22.04
N ARG A 378 -10.35 11.93 -21.03
CA ARG A 378 -9.34 12.89 -20.57
C ARG A 378 -8.12 12.20 -19.99
N THR A 379 -7.00 12.89 -20.03
CA THR A 379 -5.78 12.38 -19.44
C THR A 379 -5.82 12.68 -17.95
N MET A 380 -5.90 11.65 -17.12
CA MET A 380 -5.95 11.87 -15.69
C MET A 380 -5.60 10.65 -14.86
N VAL A 381 -5.34 10.92 -13.59
CA VAL A 381 -5.09 9.89 -12.61
C VAL A 381 -6.41 9.58 -11.95
N PHE A 382 -6.90 8.38 -12.20
CA PHE A 382 -8.25 7.98 -11.88
C PHE A 382 -8.23 7.20 -10.58
N PRO A 383 -8.94 7.69 -9.56
CA PRO A 383 -8.93 7.03 -8.26
C PRO A 383 -9.87 5.85 -8.28
N VAL A 384 -9.40 4.72 -7.76
CA VAL A 384 -10.19 3.51 -7.77
C VAL A 384 -10.65 3.15 -6.36
N MET A 385 -9.69 3.08 -5.44
CA MET A 385 -10.00 2.77 -4.07
C MET A 385 -8.85 3.16 -3.15
N TYR A 386 -9.16 3.46 -1.90
CA TYR A 386 -8.14 3.68 -0.88
C TYR A 386 -8.47 2.84 0.32
N LEU A 387 -7.59 2.85 1.31
CA LEU A 387 -7.82 2.05 2.50
C LEU A 387 -7.30 2.71 3.78
N ASN A 388 -7.70 2.17 4.93
CA ASN A 388 -7.11 2.54 6.21
C ASN A 388 -6.74 1.30 6.99
N GLU A 389 -5.45 1.02 7.04
CA GLU A 389 -4.92 -0.05 7.90
C GLU A 389 -4.63 0.53 9.28
N SER A 390 -5.41 0.11 10.27
CA SER A 390 -5.41 0.73 11.59
C SER A 390 -5.07 -0.26 12.72
N VAL A 391 -4.70 0.30 13.86
CA VAL A 391 -4.52 -0.48 15.09
C VAL A 391 -4.75 0.44 16.30
N HIS A 392 -5.27 -0.13 17.37
CA HIS A 392 -5.63 0.61 18.59
C HIS A 392 -5.43 -0.33 19.75
N ILE A 393 -4.61 0.06 20.73
CA ILE A 393 -4.36 -0.79 21.88
C ILE A 393 -5.54 -0.76 22.87
N ASP A 394 -5.87 -1.93 23.42
CA ASP A 394 -6.98 -2.07 24.37
C ASP A 394 -6.51 -1.79 25.79
N LYS A 395 -7.45 -1.69 26.72
CA LYS A 395 -7.10 -1.50 28.13
C LYS A 395 -6.13 -2.57 28.60
N GLU A 396 -6.57 -3.83 28.55
CA GLU A 396 -5.86 -4.95 29.17
C GLU A 396 -4.35 -4.89 28.89
N THR A 397 -3.99 -5.02 27.62
CA THR A 397 -2.58 -5.02 27.24
C THR A 397 -1.93 -3.67 27.58
N ALA A 398 -2.67 -2.58 27.45
CA ALA A 398 -2.13 -1.25 27.75
C ALA A 398 -1.63 -1.15 29.18
N SER A 399 -2.52 -1.37 30.15
CA SER A 399 -2.13 -1.30 31.56
C SER A 399 -1.14 -2.42 31.90
N ARG A 400 -1.20 -3.53 31.18
CA ARG A 400 -0.23 -4.60 31.35
C ARG A 400 1.15 -4.06 30.98
N LEU A 401 1.24 -3.43 29.82
CA LEU A 401 2.48 -2.78 29.39
C LEU A 401 2.85 -1.65 30.34
N LYS A 402 1.86 -0.83 30.71
CA LYS A 402 2.08 0.33 31.57
C LYS A 402 2.58 -0.07 32.96
N SER A 403 2.17 -1.25 33.43
CA SER A 403 2.68 -1.78 34.70
C SER A 403 3.99 -2.52 34.46
N MET A 404 4.07 -3.25 33.34
CA MET A 404 5.29 -3.94 32.95
C MET A 404 6.47 -2.98 32.78
N ILE A 405 6.17 -1.78 32.28
CA ILE A 405 7.20 -0.75 32.10
C ILE A 405 7.77 -0.28 33.44
N ASN A 406 6.97 -0.39 34.50
CA ASN A 406 7.40 0.01 35.84
C ASN A 406 6.91 -0.95 36.92
C1 NAG B . -22.38 1.45 -7.70
C2 NAG B . -23.48 0.99 -6.75
C3 NAG B . -24.36 -0.07 -7.40
C4 NAG B . -24.75 0.31 -8.83
C5 NAG B . -23.61 0.97 -9.61
C6 NAG B . -24.12 1.60 -10.89
C7 NAG B . -23.34 0.74 -4.32
C8 NAG B . -22.64 0.07 -3.17
N2 NAG B . -22.89 0.43 -5.55
O3 NAG B . -25.49 -0.26 -6.58
O4 NAG B . -25.06 -0.85 -9.57
O5 NAG B . -22.99 1.97 -8.85
O6 NAG B . -24.91 2.71 -10.55
O7 NAG B . -24.26 1.52 -4.10
C1 NAG B . -26.46 -0.97 -9.86
C2 NAG B . -26.63 -2.02 -10.95
C3 NAG B . -28.09 -2.42 -11.15
C4 NAG B . -28.80 -2.63 -9.82
C5 NAG B . -28.52 -1.47 -8.87
C6 NAG B . -29.15 -1.70 -7.51
C7 NAG B . -24.96 -2.06 -12.78
C8 NAG B . -24.49 -1.43 -14.05
N2 NAG B . -26.05 -1.53 -12.19
O3 NAG B . -28.12 -3.64 -11.86
O4 NAG B . -30.19 -2.73 -10.01
O5 NAG B . -27.13 -1.35 -8.68
O6 NAG B . -28.47 -0.91 -6.56
O7 NAG B . -24.34 -3.04 -12.35
C1 BMA B . -30.76 -3.92 -9.42
C2 BMA B . -32.20 -3.61 -9.06
C3 BMA B . -33.01 -4.85 -8.68
C4 BMA B . -32.69 -6.06 -9.53
C5 BMA B . -31.20 -6.22 -9.85
C6 BMA B . -30.98 -7.28 -10.93
O2 BMA B . -32.84 -2.97 -10.17
O3 BMA B . -34.41 -4.60 -8.91
O4 BMA B . -33.16 -7.22 -8.85
O5 BMA B . -30.66 -4.99 -10.35
O6 BMA B . -31.34 -6.70 -12.21
C1 MAN B . -35.11 -4.05 -7.77
C2 MAN B . -36.61 -4.19 -8.07
C3 MAN B . -37.26 -2.84 -8.37
C4 MAN B . -37.01 -1.86 -7.23
C5 MAN B . -35.58 -1.95 -6.69
C6 MAN B . -35.52 -2.52 -5.27
O2 MAN B . -37.29 -4.82 -7.00
O3 MAN B . -38.64 -3.03 -8.58
O4 MAN B . -37.27 -0.55 -7.68
O5 MAN B . -34.75 -2.70 -7.55
O6 MAN B . -34.18 -2.88 -4.99
C1 MAN B . -31.60 -7.68 -13.22
C2 MAN B . -31.95 -6.90 -14.51
C3 MAN B . -33.41 -6.45 -14.57
C4 MAN B . -34.38 -7.51 -14.07
C5 MAN B . -33.90 -8.00 -12.71
C6 MAN B . -34.84 -9.03 -12.08
O2 MAN B . -31.60 -7.67 -15.64
O3 MAN B . -33.79 -6.06 -15.87
O4 MAN B . -35.64 -6.93 -13.94
O5 MAN B . -32.63 -8.60 -12.87
O6 MAN B . -34.68 -8.97 -10.68
C1 NAG C . -8.31 -15.55 4.06
C2 NAG C . -9.82 -15.53 3.93
C3 NAG C . -10.44 -15.82 5.29
C4 NAG C . -9.82 -17.06 5.92
C5 NAG C . -8.30 -16.92 5.96
C6 NAG C . -7.61 -18.10 6.62
C7 NAG C . -10.39 -13.89 2.21
C8 NAG C . -10.84 -12.49 1.93
N2 NAG C . -10.25 -14.22 3.49
O3 NAG C . -11.84 -15.99 5.14
O4 NAG C . -10.36 -17.23 7.21
O5 NAG C . -7.84 -16.75 4.64
O6 NAG C . -7.77 -19.26 5.83
O7 NAG C . -10.18 -14.65 1.28
C1 NAG C . -11.02 -18.51 7.32
C2 NAG C . -11.68 -18.55 8.68
C3 NAG C . -12.61 -19.75 8.87
C4 NAG C . -13.42 -20.00 7.59
C5 NAG C . -12.50 -20.04 6.39
C6 NAG C . -13.22 -20.40 5.09
C7 NAG C . -10.46 -17.62 10.55
C8 NAG C . -9.33 -17.77 11.53
N2 NAG C . -10.63 -18.60 9.67
O3 NAG C . -13.49 -19.48 9.94
O4 NAG C . -14.10 -21.24 7.69
O5 NAG C . -11.96 -18.74 6.29
O6 NAG C . -14.30 -19.52 4.87
O7 NAG C . -11.19 -16.63 10.58
C1 BMA C . -15.51 -21.02 7.62
C2 BMA C . -16.18 -22.30 7.18
C3 BMA C . -17.68 -22.06 7.10
C4 BMA C . -18.22 -21.40 8.37
C5 BMA C . -17.40 -20.16 8.74
C6 BMA C . -17.81 -19.49 10.05
O2 BMA C . -15.90 -23.36 8.10
O3 BMA C . -18.34 -23.32 6.86
O4 BMA C . -19.58 -21.02 8.15
O5 BMA C . -16.03 -20.55 8.86
O6 BMA C . -18.76 -20.29 10.76
C1 MAN C . -18.33 -20.65 12.08
C2 MAN C . -17.24 -21.73 12.01
C3 MAN C . -17.77 -23.18 11.94
C4 MAN C . -19.06 -23.41 12.73
C5 MAN C . -20.03 -22.26 12.47
C6 MAN C . -21.35 -22.43 13.25
O2 MAN C . -16.34 -21.52 13.06
O3 MAN C . -16.73 -24.12 12.22
O4 MAN C . -19.65 -24.65 12.40
O5 MAN C . -19.41 -21.06 12.89
O6 MAN C . -22.44 -22.33 12.37
C1 MAN C . -16.44 -24.37 13.62
C2 MAN C . -14.95 -24.08 13.88
C3 MAN C . -14.05 -25.15 13.27
C4 MAN C . -14.52 -26.53 13.73
C5 MAN C . -15.99 -26.71 13.38
C6 MAN C . -16.48 -28.10 13.81
O2 MAN C . -14.74 -23.98 15.27
O3 MAN C . -12.72 -24.93 13.66
O4 MAN C . -13.75 -27.52 13.10
O5 MAN C . -16.77 -25.70 13.99
O6 MAN C . -17.78 -28.06 14.34
C1 MAN C . -18.86 -23.37 5.51
C2 MAN C . -19.75 -24.59 5.37
C3 MAN C . -18.93 -25.87 5.29
C4 MAN C . -17.88 -25.74 4.19
C5 MAN C . -17.02 -24.50 4.46
C6 MAN C . -15.97 -24.32 3.36
O2 MAN C . -20.52 -24.45 4.20
O3 MAN C . -19.77 -26.95 4.99
O4 MAN C . -17.08 -26.90 4.18
O5 MAN C . -17.86 -23.35 4.51
O6 MAN C . -15.03 -23.34 3.73
C1 NAG D . 17.65 6.37 2.67
C2 NAG D . 17.02 7.56 1.96
C3 NAG D . 18.08 8.51 1.42
C4 NAG D . 18.90 9.05 2.56
C5 NAG D . 19.53 7.91 3.36
C6 NAG D . 19.59 8.21 4.85
C7 NAG D . 14.92 6.77 0.93
C8 NAG D . 14.28 6.31 -0.34
N2 NAG D . 16.21 7.10 0.84
O3 NAG D . 17.47 9.57 0.73
O4 NAG D . 19.93 9.81 1.94
O5 NAG D . 18.95 6.61 3.20
O6 NAG D . 18.31 8.54 5.32
O7 NAG D . 14.27 6.81 1.97
C1 NAG D . 20.36 10.95 2.71
C2 NAG D . 21.88 10.95 2.72
C3 NAG D . 22.31 12.11 3.60
C4 NAG D . 21.90 13.36 2.82
C5 NAG D . 20.36 13.40 2.75
C6 NAG D . 19.82 14.58 1.96
C7 NAG D . 23.58 9.18 2.62
C8 NAG D . 24.10 7.89 3.16
N2 NAG D . 22.47 9.69 3.17
O3 NAG D . 23.69 12.05 3.87
O4 NAG D . 22.57 14.55 3.24
O5 NAG D . 19.86 12.18 2.17
O6 NAG D . 18.63 15.04 2.54
O7 NAG D . 24.19 9.73 1.70
C1 BMA D . 23.90 14.53 2.65
C2 BMA D . 24.12 15.63 1.63
C3 BMA D . 25.37 15.28 0.83
C4 BMA D . 26.57 15.01 1.75
C5 BMA D . 26.22 14.14 2.97
C6 BMA D . 27.35 14.11 4.00
O2 BMA D . 24.28 16.90 2.29
O3 BMA D . 25.67 16.32 -0.09
O4 BMA D . 27.59 14.35 1.00
O5 BMA D . 25.00 14.59 3.58
O6 BMA D . 27.72 15.43 4.41
C1 NAG E . 7.66 19.60 -11.46
C2 NAG E . 6.61 20.42 -12.20
C3 NAG E . 7.11 21.45 -13.23
C4 NAG E . 8.56 21.92 -13.04
C5 NAG E . 9.44 20.87 -12.38
C6 NAG E . 10.82 21.43 -11.99
C7 NAG E . 4.38 19.65 -12.78
C8 NAG E . 3.59 18.60 -13.51
N2 NAG E . 5.70 19.51 -12.84
O3 NAG E . 6.25 22.58 -13.19
O4 NAG E . 9.14 22.25 -14.31
O5 NAG E . 8.81 20.38 -11.22
O6 NAG E . 10.97 21.52 -10.60
O7 NAG E . 3.82 20.56 -12.17
C1 NAG E . 9.39 23.66 -14.49
C2 NAG E . 10.69 23.86 -15.28
C3 NAG E . 10.93 25.35 -15.53
C4 NAG E . 9.72 26.01 -16.16
C5 NAG E . 8.46 25.68 -15.36
C6 NAG E . 7.21 26.22 -16.05
C7 NAG E . 12.39 22.11 -14.90
C8 NAG E . 13.59 21.67 -14.12
N2 NAG E . 11.86 23.30 -14.61
O3 NAG E . 12.07 25.52 -16.35
O4 NAG E . 9.88 27.40 -16.25
O5 NAG E . 8.33 24.27 -15.20
O6 NAG E . 6.06 25.71 -15.43
O7 NAG E . 11.93 21.35 -15.77
C1 NAG F . 5.34 5.07 -15.30
C2 NAG F . 5.22 5.83 -16.61
C3 NAG F . 5.41 4.89 -17.77
C4 NAG F . 6.73 4.15 -17.60
C5 NAG F . 6.67 3.41 -16.27
C6 NAG F . 7.89 2.54 -15.98
C7 NAG F . 3.69 7.74 -16.49
C8 NAG F . 2.26 8.20 -16.62
N2 NAG F . 3.91 6.44 -16.69
O3 NAG F . 5.36 5.62 -18.98
O4 NAG F . 6.84 3.25 -18.68
O5 NAG F . 6.54 4.35 -15.23
O6 NAG F . 8.77 3.18 -15.09
O7 NAG F . 4.55 8.57 -16.22
C1 NAG F . 8.08 3.40 -19.40
C2 NAG F . 8.33 2.06 -20.07
C3 NAG F . 9.04 2.21 -21.41
C4 NAG F . 8.22 3.11 -22.32
C5 NAG F . 7.48 4.23 -21.59
C6 NAG F . 5.98 3.93 -21.53
C7 NAG F . 8.52 0.16 -18.55
C8 NAG F . 9.44 -0.68 -17.69
N2 NAG F . 9.08 1.17 -19.20
O3 NAG F . 9.21 0.95 -22.00
O4 NAG F . 9.08 3.69 -23.26
O5 NAG F . 8.05 4.48 -20.32
O6 NAG F . 5.40 3.99 -22.82
O7 NAG F . 7.31 -0.11 -18.59
C1 BMA F . 8.82 3.11 -24.54
C2 BMA F . 9.60 3.87 -25.60
C3 BMA F . 9.18 3.32 -26.96
C4 BMA F . 9.25 1.79 -27.04
C5 BMA F . 8.71 1.10 -25.80
C6 BMA F . 9.10 -0.38 -25.76
O2 BMA F . 11.00 3.73 -25.36
O3 BMA F . 10.03 3.89 -27.97
O4 BMA F . 8.50 1.35 -28.18
O5 BMA F . 9.19 1.74 -24.61
O6 BMA F . 10.40 -0.52 -25.20
C1 MAN F . 10.79 -1.90 -25.12
C2 MAN F . 12.21 -1.99 -24.57
C3 MAN F . 13.24 -1.51 -25.60
C4 MAN F . 12.99 -2.18 -26.95
C5 MAN F . 11.55 -1.93 -27.34
C6 MAN F . 11.19 -2.46 -28.72
O2 MAN F . 12.50 -3.31 -24.19
O3 MAN F . 14.55 -1.75 -25.12
O4 MAN F . 13.85 -1.64 -27.92
O5 MAN F . 10.72 -2.55 -26.37
O6 MAN F . 11.15 -3.86 -28.67
C1 MAN F . 10.49 -4.42 -29.82
C2 MAN F . 10.51 -5.94 -29.70
C3 MAN F . 11.96 -6.40 -29.61
C4 MAN F . 12.82 -5.81 -30.74
C5 MAN F . 12.45 -4.40 -31.18
C6 MAN F . 12.87 -4.21 -32.63
O2 MAN F . 9.87 -6.53 -30.83
O3 MAN F . 12.03 -7.80 -29.67
O4 MAN F . 14.16 -5.78 -30.31
O5 MAN F . 11.07 -4.09 -31.07
O6 MAN F . 12.68 -2.87 -33.02
C1 M6D F . 8.42 -6.41 -30.83
C2 M6D F . 8.00 -5.45 -31.94
C3 M6D F . 6.49 -5.35 -31.99
C4 M6D F . 5.89 -6.73 -32.25
C5 M6D F . 6.37 -7.71 -31.19
C6 M6D F . 5.97 -9.14 -31.60
O2 M6D F . 8.53 -5.88 -33.21
O3 M6D F . 6.06 -4.44 -33.00
O4 M6D F . 4.46 -6.63 -32.27
O5 M6D F . 7.79 -7.69 -31.01
O6 M6D F . 5.54 -9.87 -30.45
P M6D F . 4.08 -10.55 -30.36
O1P M6D F . 3.74 -10.90 -31.78
O2P M6D F . 3.21 -9.45 -29.77
O3P M6D F . 4.26 -11.74 -29.45
C1 MAN F . 9.45 5.11 -28.50
C2 MAN F . 8.36 4.72 -29.52
C3 MAN F . 8.53 5.21 -30.98
C4 MAN F . 9.76 6.07 -31.22
C5 MAN F . 10.90 5.66 -30.30
C6 MAN F . 12.20 6.40 -30.58
O2 MAN F . 7.09 5.10 -29.01
O3 MAN F . 7.38 5.93 -31.40
O4 MAN F . 10.15 5.95 -32.57
O5 MAN F . 10.46 5.96 -29.00
O6 MAN F . 13.18 5.52 -31.11
C1 NAG G . -9.65 4.82 9.10
C2 NAG G . -10.27 5.36 10.38
C3 NAG G . -11.78 5.30 10.15
C4 NAG G . -12.04 6.36 9.09
C5 NAG G . -11.17 6.19 7.84
C6 NAG G . -11.21 7.49 7.03
C7 NAG G . -9.92 3.55 12.05
C8 NAG G . -9.17 3.15 13.29
N2 NAG G . -9.67 4.77 11.58
O3 NAG G . -12.50 5.59 11.32
O4 NAG G . -13.41 6.49 8.72
O5 NAG G . -9.82 5.84 8.13
O6 NAG G . -10.36 7.40 5.90
O7 NAG G . -10.71 2.78 11.54
C1 NAG G . -13.80 7.85 9.02
C2 NAG G . -15.15 8.23 8.42
C3 NAG G . -15.39 9.71 8.69
C4 NAG G . -15.20 10.02 10.17
C5 NAG G . -13.88 9.47 10.70
C6 NAG G . -13.73 9.68 12.19
C7 NAG G . -15.60 6.88 6.40
C8 NAG G . -15.57 6.90 4.90
N2 NAG G . -15.20 8.02 6.98
O3 NAG G . -16.68 10.06 8.26
O4 NAG G . -15.26 11.42 10.45
O5 NAG G . -13.84 8.08 10.41
O6 NAG G . -14.91 9.25 12.82
O7 NAG G . -15.94 5.86 7.00
C1 BMA G . -16.57 11.77 10.91
C2 BMA G . -16.52 12.96 11.81
C3 BMA G . -17.88 13.09 12.51
C4 BMA G . -19.08 12.60 11.68
C5 BMA G . -18.80 12.10 10.25
C6 BMA G . -19.61 12.91 9.25
O2 BMA G . -16.23 14.10 11.00
O3 BMA G . -18.13 14.46 12.85
O4 BMA G . -19.73 11.54 12.40
O5 BMA G . -17.43 12.17 9.86
O6 BMA G . -20.99 12.76 9.59
C1 MAN G . -17.88 14.71 14.24
C2 MAN G . -18.36 16.11 14.58
C3 MAN G . -17.52 17.13 13.81
C4 MAN G . -16.03 16.91 14.10
C5 MAN G . -15.64 15.46 13.89
C6 MAN G . -14.22 15.20 14.39
O2 MAN G . -18.22 16.30 15.96
O3 MAN G . -17.89 18.44 14.17
O4 MAN G . -15.30 17.71 13.20
O5 MAN G . -16.51 14.58 14.58
O6 MAN G . -13.32 15.29 13.31
C1 MAN G . -21.90 13.17 8.55
C2 MAN G . -21.55 14.57 8.02
C3 MAN G . -21.75 15.59 9.14
C4 MAN G . -23.15 15.46 9.74
C5 MAN G . -23.45 14.02 10.14
C6 MAN G . -24.88 13.86 10.64
O2 MAN G . -22.35 14.88 6.89
O3 MAN G . -21.52 16.90 8.66
O4 MAN G . -23.26 16.29 10.87
O5 MAN G . -23.23 13.16 9.03
O6 MAN G . -24.92 12.85 11.63
C1 NAG H . 12.90 -21.09 20.14
C2 NAG H . 12.73 -22.09 19.00
C3 NAG H . 12.25 -23.47 19.49
C4 NAG H . 12.91 -23.91 20.79
C5 NAG H . 12.94 -22.79 21.84
C6 NAG H . 14.35 -22.52 22.35
C7 NAG H . 12.13 -20.58 17.16
C8 NAG H . 11.06 -20.13 16.20
N2 NAG H . 11.81 -21.56 18.01
O3 NAG H . 12.48 -24.44 18.48
O4 NAG H . 12.20 -25.02 21.31
O5 NAG H . 12.35 -21.60 21.34
O6 NAG H . 14.79 -23.64 23.09
O7 NAG H . 13.23 -20.04 17.14
C1 NAG I . 23.26 -1.18 13.44
C2 NAG I . 24.26 -1.26 12.29
C3 NAG I . 25.59 -0.55 12.60
C4 NAG I . 25.39 0.58 13.63
C5 NAG I . 24.76 0.04 14.92
C6 NAG I . 23.98 1.10 15.70
C7 NAG I . 24.52 -3.13 10.70
C8 NAG I . 24.86 -4.59 10.51
N2 NAG I . 24.56 -2.65 11.96
O3 NAG I . 26.17 -0.03 11.42
O4 NAG I . 26.64 1.15 13.95
O5 NAG I . 23.93 -1.10 14.70
O6 NAG I . 24.18 2.40 15.20
O7 NAG I . 24.23 -2.45 9.72
CL CL J . -7.45 6.52 23.46
#